data_9AUE
#
_entry.id   9AUE
#
_cell.length_a   75.359
_cell.length_b   103.752
_cell.length_c   104.117
_cell.angle_alpha   90.00
_cell.angle_beta   90.00
_cell.angle_gamma   90.00
#
_symmetry.space_group_name_H-M   'C 2 2 21'
#
loop_
_entity.id
_entity.type
_entity.pdbx_description
1 polymer "6'-epimerase, C-6' aminotransferase"
2 non-polymer GLYCEROL
3 non-polymer "4'-DEOXY-4'-AMINOPYRIDOXAL-5'-PHOSPHATE"
4 non-polymer 'CHLORIDE ION'
5 water water
#
_entity_poly.entity_id   1
_entity_poly.type   'polypeptide(L)'
_entity_poly.pdbx_seq_one_letter_code
;AMIIANADGCTPYEVARGVTIVRGEGAYVYDAEGRGLIDLSNSFGSVMLGHQDPVVTEAVLKTVRSGVPAAASLDLQNHL
AEQIAGDLPGDQRVAFFKTGTAATRAAASAARQVTGKRLIASCGYHGYDLMWEFTPPGQPNSEDVLHCYHLPELIDQVLD
KHAHELAAVIIAPDYIHVSPEYIADLFERCERVGVVTIADEVKHGYRLRQGASVTEASVVADMYTYAKGISNGWPLSCVA
GDERFLKPLAEFVSTLTFEAPSFAAASATLDRLAELDVQAQLAIDGARFVSEAAKMISTRDLPIEMAGTGAAFQFVCAEE
VEEVLLPHALAEGLILEPSDQQYPSACFRGEVVDDALERLDRALTTMAAARPDLVGREVTQLDRVNAAFCQMDGLPGRPD
GWSLDQCVEYVTAQL
;
_entity_poly.pdbx_strand_id   A
#
# COMPACT_ATOMS: atom_id res chain seq x y z
N ALA A 1 -19.41 -23.03 -7.30
CA ALA A 1 -20.78 -22.57 -7.50
C ALA A 1 -20.97 -21.21 -6.83
N MET A 2 -19.90 -20.41 -6.83
CA MET A 2 -19.83 -19.20 -6.01
C MET A 2 -20.01 -19.59 -4.54
N ILE A 3 -19.37 -20.69 -4.15
CA ILE A 3 -19.44 -21.10 -2.76
C ILE A 3 -18.56 -20.21 -1.88
N ILE A 4 -17.48 -19.64 -2.43
CA ILE A 4 -16.67 -18.68 -1.67
C ILE A 4 -17.42 -17.36 -1.57
N ALA A 5 -17.49 -16.83 -0.35
CA ALA A 5 -18.25 -15.62 -0.09
C ALA A 5 -17.41 -14.36 -0.20
N ASN A 6 -16.09 -14.45 0.05
CA ASN A 6 -15.24 -13.27 -0.02
C ASN A 6 -14.20 -13.37 -1.13
N ALA A 7 -14.53 -14.03 -2.24
CA ALA A 7 -13.66 -13.97 -3.41
C ALA A 7 -13.87 -12.65 -4.15
N ASP A 8 -15.11 -12.34 -4.47
CA ASP A 8 -15.48 -11.01 -4.94
C ASP A 8 -15.13 -9.97 -3.88
N GLY A 9 -14.37 -8.96 -4.27
CA GLY A 9 -13.91 -7.96 -3.33
C GLY A 9 -12.59 -7.37 -3.81
N CYS A 10 -11.76 -6.96 -2.84
CA CYS A 10 -10.49 -6.31 -3.14
C CYS A 10 -9.37 -7.34 -3.34
N THR A 11 -9.56 -8.19 -4.35
CA THR A 11 -8.51 -9.11 -4.75
C THR A 11 -7.75 -8.55 -5.95
N PRO A 12 -6.45 -8.83 -6.08
CA PRO A 12 -5.70 -8.33 -7.24
C PRO A 12 -6.05 -9.12 -8.50
N TYR A 13 -5.50 -8.64 -9.63
CA TYR A 13 -5.57 -9.30 -10.93
C TYR A 13 -6.96 -9.30 -11.55
N GLU A 14 -7.84 -8.35 -11.17
CA GLU A 14 -9.17 -8.28 -11.77
C GLU A 14 -9.12 -8.06 -13.28
N VAL A 15 -8.10 -7.35 -13.77
CA VAL A 15 -7.98 -7.14 -15.22
C VAL A 15 -7.78 -8.45 -15.97
N ALA A 16 -7.27 -9.48 -15.29
CA ALA A 16 -6.96 -10.75 -15.91
C ALA A 16 -8.01 -11.83 -15.62
N ARG A 17 -9.21 -11.43 -15.19
CA ARG A 17 -10.26 -12.39 -14.86
C ARG A 17 -10.68 -13.23 -16.07
N GLY A 18 -10.46 -12.74 -17.29
CA GLY A 18 -10.74 -13.49 -18.50
C GLY A 18 -9.64 -14.42 -18.94
N VAL A 19 -8.48 -14.39 -18.28
CA VAL A 19 -7.36 -15.28 -18.57
C VAL A 19 -7.07 -16.13 -17.33
N THR A 20 -6.05 -16.99 -17.38
CA THR A 20 -5.75 -17.93 -16.30
C THR A 20 -4.26 -17.92 -15.99
N ILE A 21 -3.89 -17.40 -14.82
CA ILE A 21 -2.49 -17.30 -14.43
C ILE A 21 -2.09 -18.53 -13.63
N VAL A 22 -0.97 -19.16 -14.02
CA VAL A 22 -0.62 -20.45 -13.44
C VAL A 22 0.80 -20.48 -12.87
N ARG A 23 1.62 -19.47 -13.19
CA ARG A 23 3.02 -19.50 -12.82
C ARG A 23 3.50 -18.06 -12.62
N GLY A 24 4.43 -17.89 -11.67
CA GLY A 24 5.09 -16.60 -11.46
C GLY A 24 6.59 -16.76 -11.29
N GLU A 25 7.38 -15.91 -11.94
CA GLU A 25 8.83 -15.95 -11.80
C GLU A 25 9.38 -14.57 -12.06
N GLY A 26 9.99 -13.97 -11.03
CA GLY A 26 10.62 -12.68 -11.22
C GLY A 26 9.60 -11.60 -11.48
N ALA A 27 9.81 -10.85 -12.56
CA ALA A 27 8.92 -9.77 -12.96
C ALA A 27 7.70 -10.26 -13.75
N TYR A 28 7.61 -11.56 -14.02
CA TYR A 28 6.66 -12.09 -14.97
C TYR A 28 5.72 -13.09 -14.31
N VAL A 29 4.49 -13.11 -14.79
CA VAL A 29 3.59 -14.25 -14.55
C VAL A 29 3.28 -14.85 -15.93
N TYR A 30 2.82 -16.10 -15.91
CA TYR A 30 2.58 -16.83 -17.14
C TYR A 30 1.18 -17.41 -17.12
N ASP A 31 0.48 -17.30 -18.24
CA ASP A 31 -0.86 -17.87 -18.33
C ASP A 31 -0.79 -19.33 -18.77
N ALA A 32 -1.96 -19.95 -18.87
CA ALA A 32 -2.06 -21.37 -19.18
C ALA A 32 -1.61 -21.70 -20.60
N GLU A 33 -1.53 -20.71 -21.49
CA GLU A 33 -1.00 -20.91 -22.83
C GLU A 33 0.49 -20.60 -22.91
N GLY A 34 1.14 -20.35 -21.77
CA GLY A 34 2.55 -20.08 -21.72
C GLY A 34 2.97 -18.67 -22.04
N ARG A 35 2.01 -17.75 -22.24
CA ARG A 35 2.34 -16.37 -22.53
C ARG A 35 2.84 -15.67 -21.27
N GLY A 36 3.94 -14.96 -21.38
CA GLY A 36 4.47 -14.19 -20.26
C GLY A 36 3.92 -12.78 -20.24
N LEU A 37 3.59 -12.31 -19.03
CA LEU A 37 3.06 -10.97 -18.80
C LEU A 37 3.90 -10.28 -17.74
N ILE A 38 4.32 -9.04 -18.02
CA ILE A 38 4.94 -8.22 -16.98
C ILE A 38 3.90 -7.87 -15.93
N ASP A 39 4.22 -8.17 -14.68
CA ASP A 39 3.28 -8.02 -13.56
C ASP A 39 3.57 -6.73 -12.82
N LEU A 40 2.66 -5.75 -12.91
CA LEU A 40 2.73 -4.55 -12.10
C LEU A 40 1.69 -4.56 -10.98
N SER A 41 1.03 -5.70 -10.75
CA SER A 41 0.23 -5.84 -9.54
C SER A 41 1.04 -6.45 -8.40
N ASN A 42 1.73 -7.57 -8.67
CA ASN A 42 2.60 -8.20 -7.69
C ASN A 42 1.84 -8.52 -6.39
N SER A 43 0.68 -9.15 -6.56
CA SER A 43 -0.22 -9.41 -5.44
C SER A 43 -0.49 -8.14 -4.62
N PHE A 44 -0.96 -7.11 -5.33
CA PHE A 44 -1.29 -5.82 -4.71
C PHE A 44 -0.11 -5.27 -3.92
N GLY A 45 1.10 -5.43 -4.44
CA GLY A 45 2.26 -4.88 -3.80
C GLY A 45 2.87 -5.74 -2.69
N SER A 46 2.38 -6.95 -2.46
CA SER A 46 3.00 -7.81 -1.45
CA SER A 46 2.98 -7.81 -1.45
C SER A 46 4.31 -8.43 -1.92
N VAL A 47 4.51 -8.53 -3.23
CA VAL A 47 5.72 -9.13 -3.77
C VAL A 47 6.67 -7.97 -4.12
N MET A 48 7.56 -7.63 -3.16
CA MET A 48 8.57 -6.59 -3.36
C MET A 48 9.82 -7.07 -4.06
N LEU A 49 10.13 -8.38 -4.01
CA LEU A 49 11.36 -8.88 -4.60
C LEU A 49 11.15 -9.50 -5.97
N GLY A 50 9.95 -9.99 -6.24
CA GLY A 50 9.70 -10.76 -7.45
C GLY A 50 9.17 -12.13 -7.08
N HIS A 51 8.40 -12.73 -7.99
CA HIS A 51 7.82 -14.03 -7.70
C HIS A 51 8.92 -15.08 -7.63
N GLN A 52 8.77 -16.01 -6.69
CA GLN A 52 9.73 -17.11 -6.56
C GLN A 52 11.16 -16.58 -6.35
N ASP A 53 11.33 -15.54 -5.52
CA ASP A 53 12.69 -15.07 -5.25
C ASP A 53 13.53 -16.25 -4.78
N PRO A 54 14.71 -16.47 -5.36
CA PRO A 54 15.48 -17.69 -5.02
C PRO A 54 15.86 -17.79 -3.55
N VAL A 55 16.23 -16.67 -2.94
CA VAL A 55 16.70 -16.70 -1.55
C VAL A 55 15.54 -16.91 -0.60
N VAL A 56 14.44 -16.19 -0.83
CA VAL A 56 13.25 -16.40 0.00
C VAL A 56 12.76 -17.83 -0.15
N THR A 57 12.72 -18.34 -1.38
CA THR A 57 12.22 -19.70 -1.62
C THR A 57 13.07 -20.75 -0.93
N GLU A 58 14.40 -20.64 -1.00
CA GLU A 58 15.23 -21.63 -0.30
C GLU A 58 15.04 -21.58 1.21
N ALA A 59 14.89 -20.37 1.77
CA ALA A 59 14.68 -20.28 3.21
C ALA A 59 13.36 -20.92 3.62
N VAL A 60 12.30 -20.66 2.84
CA VAL A 60 11.00 -21.25 3.12
C VAL A 60 11.07 -22.76 3.00
N LEU A 61 11.68 -23.24 1.90
CA LEU A 61 11.70 -24.68 1.65
C LEU A 61 12.47 -25.43 2.74
N LYS A 62 13.58 -24.85 3.21
CA LYS A 62 14.34 -25.47 4.28
C LYS A 62 13.51 -25.54 5.56
N THR A 63 12.75 -24.50 5.85
CA THR A 63 11.91 -24.48 7.04
C THR A 63 10.77 -25.48 6.91
N VAL A 64 10.14 -25.56 5.74
CA VAL A 64 9.07 -26.54 5.54
C VAL A 64 9.61 -27.95 5.69
N ARG A 65 10.78 -28.23 5.12
CA ARG A 65 11.33 -29.58 5.15
C ARG A 65 11.85 -29.98 6.53
N SER A 66 12.12 -29.02 7.41
CA SER A 66 12.49 -29.35 8.77
C SER A 66 11.31 -29.79 9.61
N GLY A 67 10.09 -29.45 9.19
CA GLY A 67 8.93 -29.73 10.01
C GLY A 67 8.87 -28.99 11.33
N VAL A 68 9.74 -28.01 11.56
CA VAL A 68 9.79 -27.38 12.88
C VAL A 68 8.44 -26.76 13.21
N PRO A 69 7.85 -27.02 14.37
CA PRO A 69 6.50 -26.53 14.65
C PRO A 69 6.48 -25.06 15.07
N ALA A 70 5.26 -24.55 15.22
CA ALA A 70 5.08 -23.14 15.49
C ALA A 70 5.60 -22.79 16.87
N ALA A 71 6.20 -21.59 16.98
CA ALA A 71 6.68 -21.02 18.23
C ALA A 71 7.87 -21.74 18.82
N ALA A 72 8.61 -22.50 18.00
CA ALA A 72 9.83 -23.16 18.47
C ALA A 72 11.09 -22.45 18.03
N SER A 73 11.01 -21.55 17.05
CA SER A 73 12.21 -20.91 16.49
C SER A 73 12.36 -19.50 17.07
N LEU A 74 12.67 -19.48 18.38
CA LEU A 74 12.71 -18.22 19.12
C LEU A 74 13.79 -17.29 18.58
N ASP A 75 14.96 -17.83 18.20
CA ASP A 75 16.01 -16.98 17.69
C ASP A 75 15.60 -16.29 16.39
N LEU A 76 14.92 -17.03 15.50
CA LEU A 76 14.51 -16.43 14.23
C LEU A 76 13.44 -15.37 14.44
N GLN A 77 12.50 -15.62 15.34
CA GLN A 77 11.45 -14.64 15.61
C GLN A 77 12.05 -13.37 16.20
N ASN A 78 12.92 -13.51 17.20
CA ASN A 78 13.53 -12.34 17.80
CA ASN A 78 13.55 -12.35 17.81
C ASN A 78 14.43 -11.61 16.81
N HIS A 79 15.13 -12.36 15.96
CA HIS A 79 15.99 -11.70 14.97
C HIS A 79 15.17 -10.81 14.06
N LEU A 80 14.01 -11.31 13.59
CA LEU A 80 13.17 -10.52 12.71
C LEU A 80 12.67 -9.26 13.41
N ALA A 81 12.29 -9.39 14.68
CA ALA A 81 11.87 -8.20 15.43
C ALA A 81 12.99 -7.18 15.55
N GLU A 82 14.23 -7.67 15.75
CA GLU A 82 15.38 -6.75 15.81
C GLU A 82 15.61 -6.05 14.48
N GLN A 83 15.45 -6.78 13.38
CA GLN A 83 15.61 -6.17 12.06
C GLN A 83 14.64 -5.03 11.88
N ILE A 84 13.37 -5.26 12.22
CA ILE A 84 12.32 -4.27 12.04
C ILE A 84 12.53 -3.09 12.98
N ALA A 85 12.77 -3.37 14.26
CA ALA A 85 12.93 -2.30 15.25
C ALA A 85 14.13 -1.43 14.93
N GLY A 86 15.20 -2.03 14.38
CA GLY A 86 16.42 -1.31 14.10
C GLY A 86 16.32 -0.34 12.94
N ASP A 87 15.27 -0.42 12.14
CA ASP A 87 15.08 0.53 11.04
C ASP A 87 14.18 1.71 11.42
N LEU A 88 13.74 1.78 12.67
CA LEU A 88 12.90 2.85 13.15
C LEU A 88 13.63 3.66 14.21
N PRO A 89 13.45 4.97 14.23
CA PRO A 89 14.11 5.79 15.26
C PRO A 89 13.43 5.59 16.61
N GLY A 90 14.22 5.33 17.62
CA GLY A 90 13.68 5.08 18.94
C GLY A 90 13.86 3.62 19.34
N ASP A 91 13.19 3.27 20.43
CA ASP A 91 13.28 1.95 21.05
CA ASP A 91 13.28 1.94 21.02
C ASP A 91 11.93 1.25 20.90
N GLN A 92 11.79 0.45 19.86
CA GLN A 92 10.52 -0.20 19.58
C GLN A 92 10.54 -1.65 20.06
N ARG A 93 9.35 -2.14 20.43
CA ARG A 93 9.07 -3.56 20.50
C ARG A 93 8.17 -3.89 19.32
N VAL A 94 8.07 -5.18 18.99
CA VAL A 94 7.37 -5.63 17.79
C VAL A 94 6.41 -6.75 18.16
N ALA A 95 5.15 -6.61 17.76
CA ALA A 95 4.13 -7.63 17.92
C ALA A 95 3.72 -8.12 16.54
N PHE A 96 3.72 -9.44 16.34
CA PHE A 96 3.49 -10.01 15.01
C PHE A 96 2.05 -10.47 14.85
N PHE A 97 1.53 -10.29 13.62
CA PHE A 97 0.18 -10.68 13.23
C PHE A 97 0.27 -11.34 11.86
N LYS A 98 -0.87 -11.74 11.30
CA LYS A 98 -0.84 -12.43 10.03
C LYS A 98 -1.35 -11.61 8.86
N THR A 99 -2.08 -10.52 9.11
CA THR A 99 -2.58 -9.64 8.06
C THR A 99 -2.40 -8.19 8.49
N GLY A 100 -2.43 -7.30 7.50
CA GLY A 100 -2.37 -5.87 7.82
C GLY A 100 -3.55 -5.40 8.63
N THR A 101 -4.75 -5.96 8.36
CA THR A 101 -5.95 -5.60 9.12
C THR A 101 -5.78 -5.96 10.58
N ALA A 102 -5.25 -7.14 10.86
CA ALA A 102 -5.02 -7.52 12.25
C ALA A 102 -4.05 -6.56 12.91
N ALA A 103 -3.02 -6.12 12.18
CA ALA A 103 -2.03 -5.23 12.79
C ALA A 103 -2.61 -3.84 13.07
N THR A 104 -3.38 -3.28 12.14
CA THR A 104 -3.93 -1.95 12.39
C THR A 104 -4.99 -2.00 13.49
N ARG A 105 -5.83 -3.03 13.52
CA ARG A 105 -6.78 -3.13 14.63
C ARG A 105 -6.06 -3.30 15.96
N ALA A 106 -4.96 -4.07 15.98
CA ALA A 106 -4.21 -4.26 17.21
C ALA A 106 -3.59 -2.95 17.69
N ALA A 107 -3.04 -2.16 16.76
CA ALA A 107 -2.48 -0.86 17.13
C ALA A 107 -3.56 0.04 17.71
N ALA A 108 -4.75 0.04 17.09
CA ALA A 108 -5.84 0.84 17.61
C ALA A 108 -6.23 0.36 19.00
N SER A 109 -6.30 -0.97 19.20
CA SER A 109 -6.66 -1.52 20.49
C SER A 109 -5.63 -1.16 21.56
N ALA A 110 -4.34 -1.20 21.20
CA ALA A 110 -3.30 -0.81 22.15
C ALA A 110 -3.47 0.64 22.60
N ALA A 111 -3.77 1.54 21.65
CA ALA A 111 -3.99 2.94 22.01
C ALA A 111 -5.20 3.08 22.94
N ARG A 112 -6.28 2.35 22.64
CA ARG A 112 -7.46 2.39 23.51
C ARG A 112 -7.12 1.89 24.91
N GLN A 113 -6.36 0.81 25.01
CA GLN A 113 -5.99 0.26 26.31
C GLN A 113 -5.17 1.25 27.14
N VAL A 114 -4.20 1.91 26.51
CA VAL A 114 -3.31 2.81 27.24
C VAL A 114 -4.02 4.08 27.65
N THR A 115 -4.83 4.66 26.75
CA THR A 115 -5.44 5.95 27.03
C THR A 115 -6.75 5.85 27.80
N GLY A 116 -7.41 4.69 27.77
CA GLY A 116 -8.75 4.61 28.32
C GLY A 116 -9.79 5.31 27.49
N LYS A 117 -9.45 5.74 26.28
CA LYS A 117 -10.37 6.43 25.40
C LYS A 117 -10.78 5.50 24.27
N ARG A 118 -11.85 5.85 23.59
CA ARG A 118 -12.47 4.96 22.60
C ARG A 118 -12.38 5.47 21.18
N LEU A 119 -12.65 6.74 20.95
CA LEU A 119 -12.75 7.27 19.59
C LEU A 119 -11.39 7.23 18.88
N ILE A 120 -11.42 6.90 17.60
CA ILE A 120 -10.23 6.86 16.75
C ILE A 120 -10.50 7.75 15.54
N ALA A 121 -9.52 8.56 15.13
CA ALA A 121 -9.61 9.30 13.89
C ALA A 121 -8.69 8.68 12.85
N SER A 122 -9.04 8.81 11.58
CA SER A 122 -8.36 8.01 10.56
C SER A 122 -8.27 8.75 9.23
N CYS A 123 -7.15 8.52 8.52
CA CYS A 123 -7.00 8.91 7.13
C CYS A 123 -6.55 7.67 6.37
N GLY A 124 -7.25 7.33 5.28
CA GLY A 124 -6.87 6.21 4.45
C GLY A 124 -7.54 4.89 4.82
N TYR A 125 -7.13 3.86 4.10
CA TYR A 125 -7.67 2.50 4.24
C TYR A 125 -6.77 1.70 5.17
N HIS A 126 -7.36 1.08 6.21
CA HIS A 126 -6.58 0.31 7.15
C HIS A 126 -6.94 -1.18 7.19
N GLY A 127 -7.83 -1.64 6.31
CA GLY A 127 -8.17 -3.05 6.26
C GLY A 127 -9.67 -3.28 6.19
N TYR A 128 -10.03 -4.56 6.21
CA TYR A 128 -11.40 -4.98 5.93
C TYR A 128 -12.30 -4.98 7.16
N ASP A 129 -11.73 -4.90 8.36
CA ASP A 129 -12.53 -4.94 9.58
C ASP A 129 -13.58 -3.83 9.59
N LEU A 130 -14.74 -4.13 10.21
CA LEU A 130 -15.79 -3.13 10.29
C LEU A 130 -15.31 -1.84 10.94
N MET A 131 -14.28 -1.90 11.79
CA MET A 131 -13.87 -0.63 12.39
C MET A 131 -13.27 0.31 11.36
N TRP A 132 -12.83 -0.21 10.22
CA TRP A 132 -12.23 0.62 9.18
C TRP A 132 -13.21 1.00 8.08
N GLU A 133 -14.49 0.64 8.23
CA GLU A 133 -15.52 0.99 7.25
C GLU A 133 -15.64 2.50 7.15
N PHE A 134 -15.57 3.03 5.93
CA PHE A 134 -15.64 4.47 5.71
C PHE A 134 -17.05 4.99 5.93
N THR A 135 -17.17 6.09 6.66
CA THR A 135 -18.40 6.85 6.83
C THR A 135 -18.13 8.31 6.54
N PRO A 136 -19.16 9.11 6.25
CA PRO A 136 -18.94 10.51 5.87
C PRO A 136 -18.23 11.28 6.97
N PRO A 137 -17.51 12.35 6.61
CA PRO A 137 -16.85 13.17 7.63
C PRO A 137 -17.78 13.57 8.77
N GLY A 138 -17.28 13.44 9.99
CA GLY A 138 -18.02 13.81 11.17
C GLY A 138 -18.98 12.77 11.68
N GLN A 139 -19.08 11.63 11.00
CA GLN A 139 -20.01 10.58 11.37
C GLN A 139 -19.23 9.36 11.86
N PRO A 140 -19.20 9.08 13.16
CA PRO A 140 -18.47 7.91 13.64
C PRO A 140 -19.10 6.65 13.11
N ASN A 141 -18.27 5.68 12.72
CA ASN A 141 -18.80 4.42 12.22
C ASN A 141 -19.24 3.55 13.40
N SER A 142 -19.59 2.29 13.11
CA SER A 142 -20.16 1.44 14.15
C SER A 142 -19.16 1.11 15.26
N GLU A 143 -17.87 1.33 15.01
CA GLU A 143 -16.82 1.04 15.97
C GLU A 143 -16.13 2.30 16.46
N ASP A 144 -16.81 3.46 16.33
CA ASP A 144 -16.32 4.73 16.88
C ASP A 144 -15.03 5.18 16.20
N VAL A 145 -14.96 5.05 14.88
CA VAL A 145 -13.86 5.57 14.07
C VAL A 145 -14.42 6.69 13.20
N LEU A 146 -13.73 7.84 13.19
CA LEU A 146 -14.07 9.00 12.38
C LEU A 146 -13.05 9.10 11.25
N HIS A 147 -13.53 9.40 10.05
CA HIS A 147 -12.70 9.42 8.84
C HIS A 147 -12.52 10.85 8.35
N CYS A 148 -11.26 11.22 8.07
CA CYS A 148 -10.90 12.60 7.75
C CYS A 148 -10.39 12.79 6.33
N TYR A 149 -10.22 11.71 5.57
CA TYR A 149 -9.98 11.80 4.13
C TYR A 149 -8.76 12.63 3.77
N HIS A 150 -7.74 12.60 4.63
CA HIS A 150 -6.45 13.25 4.43
C HIS A 150 -6.52 14.78 4.38
N LEU A 151 -7.66 15.38 4.71
CA LEU A 151 -7.79 16.82 4.66
C LEU A 151 -7.40 17.42 6.01
N PRO A 152 -6.42 18.32 6.06
CA PRO A 152 -6.09 18.96 7.34
C PRO A 152 -7.28 19.67 7.98
N GLU A 153 -8.18 20.21 7.17
CA GLU A 153 -9.36 20.89 7.71
C GLU A 153 -10.28 19.91 8.44
N LEU A 154 -10.37 18.67 7.95
CA LEU A 154 -11.22 17.67 8.60
C LEU A 154 -10.56 17.09 9.83
N ILE A 155 -9.22 16.94 9.79
CA ILE A 155 -8.48 16.60 10.99
C ILE A 155 -8.71 17.66 12.07
N ASP A 156 -8.57 18.94 11.69
CA ASP A 156 -8.81 20.03 12.63
C ASP A 156 -10.20 19.94 13.24
N GLN A 157 -11.22 19.66 12.43
CA GLN A 157 -12.57 19.54 12.99
C GLN A 157 -12.64 18.45 14.05
N VAL A 158 -12.09 17.28 13.77
CA VAL A 158 -12.16 16.19 14.75
C VAL A 158 -11.35 16.55 15.99
N LEU A 159 -10.18 17.17 15.81
CA LEU A 159 -9.38 17.54 16.96
C LEU A 159 -10.05 18.63 17.76
N ASP A 160 -10.59 19.64 17.08
CA ASP A 160 -11.23 20.75 17.78
C ASP A 160 -12.42 20.26 18.61
N LYS A 161 -13.08 19.18 18.19
CA LYS A 161 -14.25 18.63 18.86
C LYS A 161 -13.94 17.48 19.81
N HIS A 162 -13.00 16.59 19.47
CA HIS A 162 -12.81 15.37 20.24
C HIS A 162 -11.37 15.10 20.71
N ALA A 163 -10.43 16.02 20.50
CA ALA A 163 -9.02 15.69 20.77
C ALA A 163 -8.83 15.12 22.17
N HIS A 164 -9.58 15.63 23.14
CA HIS A 164 -9.49 15.13 24.51
C HIS A 164 -10.09 13.73 24.64
N GLU A 165 -10.88 13.28 23.66
CA GLU A 165 -11.52 11.97 23.70
C GLU A 165 -10.90 10.97 22.74
N LEU A 166 -9.91 11.37 21.94
CA LEU A 166 -9.37 10.49 20.92
C LEU A 166 -8.34 9.56 21.54
N ALA A 167 -8.48 8.26 21.29
CA ALA A 167 -7.42 7.32 21.67
C ALA A 167 -6.22 7.46 20.75
N ALA A 168 -6.45 7.72 19.46
CA ALA A 168 -5.36 7.78 18.51
C ALA A 168 -5.88 8.30 17.18
N VAL A 169 -4.94 8.75 16.35
CA VAL A 169 -5.18 8.98 14.95
CA VAL A 169 -5.18 8.99 14.95
C VAL A 169 -4.32 7.99 14.17
N ILE A 170 -4.89 7.38 13.15
CA ILE A 170 -4.17 6.42 12.31
C ILE A 170 -4.17 6.95 10.88
N ILE A 171 -2.98 7.14 10.32
CA ILE A 171 -2.83 7.75 9.00
C ILE A 171 -2.05 6.80 8.11
N ALA A 172 -2.65 6.43 6.97
CA ALA A 172 -1.93 5.73 5.92
C ALA A 172 -1.31 6.79 5.01
N PRO A 173 0.01 6.88 4.94
CA PRO A 173 0.61 7.94 4.13
C PRO A 173 0.54 7.60 2.65
N ASP A 174 0.64 8.65 1.83
N ASP A 174 0.68 8.64 1.83
CA ASP A 174 0.76 8.49 0.39
CA ASP A 174 0.72 8.48 0.38
C ASP A 174 1.44 9.74 -0.16
C ASP A 174 1.37 9.74 -0.18
N TYR A 175 2.09 9.58 -1.31
CA TYR A 175 2.92 10.65 -1.83
C TYR A 175 2.79 10.84 -3.33
N ILE A 176 1.81 10.20 -3.98
CA ILE A 176 1.62 10.38 -5.42
C ILE A 176 0.98 11.74 -5.69
N HIS A 177 -0.08 12.07 -4.95
CA HIS A 177 -0.85 13.27 -5.21
C HIS A 177 -0.66 14.37 -4.18
N VAL A 178 0.06 14.08 -3.09
CA VAL A 178 0.40 15.06 -2.08
C VAL A 178 1.87 14.92 -1.74
N SER A 179 2.43 15.93 -1.09
CA SER A 179 3.85 15.97 -0.75
C SER A 179 4.13 15.29 0.58
N PRO A 180 5.40 14.92 0.83
CA PRO A 180 5.77 14.48 2.19
C PRO A 180 5.45 15.53 3.25
N GLU A 181 5.64 16.81 2.94
CA GLU A 181 5.31 17.85 3.90
C GLU A 181 3.82 17.88 4.23
N TYR A 182 2.96 17.63 3.24
CA TYR A 182 1.53 17.55 3.47
C TYR A 182 1.20 16.42 4.44
N ILE A 183 1.78 15.24 4.21
CA ILE A 183 1.53 14.11 5.11
C ILE A 183 2.04 14.42 6.50
N ALA A 184 3.25 14.99 6.60
CA ALA A 184 3.81 15.29 7.90
C ALA A 184 2.91 16.25 8.67
N ASP A 185 2.29 17.20 7.97
CA ASP A 185 1.42 18.16 8.63
C ASP A 185 0.23 17.46 9.27
N LEU A 186 -0.29 16.39 8.64
CA LEU A 186 -1.41 15.66 9.23
C LEU A 186 -1.02 15.08 10.58
N PHE A 187 0.16 14.45 10.65
CA PHE A 187 0.65 13.91 11.92
C PHE A 187 0.91 15.01 12.91
N GLU A 188 1.53 16.11 12.47
CA GLU A 188 1.95 17.14 13.40
C GLU A 188 0.75 17.81 14.08
N ARG A 189 -0.36 17.99 13.34
CA ARG A 189 -1.56 18.59 13.93
C ARG A 189 -2.06 17.78 15.11
N CYS A 190 -1.95 16.46 15.04
CA CYS A 190 -2.42 15.59 16.11
C CYS A 190 -1.42 15.57 17.26
N GLU A 191 -0.13 15.48 16.93
CA GLU A 191 0.93 15.56 17.92
C GLU A 191 0.81 16.80 18.79
N ARG A 192 0.45 17.93 18.18
CA ARG A 192 0.47 19.20 18.93
C ARG A 192 -0.58 19.25 20.02
N VAL A 193 -1.66 18.47 19.90
CA VAL A 193 -2.66 18.36 20.94
C VAL A 193 -2.52 17.06 21.72
N GLY A 194 -1.41 16.36 21.58
CA GLY A 194 -1.12 15.23 22.44
C GLY A 194 -1.84 13.94 22.11
N VAL A 195 -2.27 13.77 20.85
CA VAL A 195 -3.01 12.57 20.44
C VAL A 195 -2.02 11.53 19.93
N VAL A 196 -2.17 10.29 20.41
CA VAL A 196 -1.34 9.18 19.94
C VAL A 196 -1.47 9.03 18.42
N THR A 197 -0.34 8.76 17.76
CA THR A 197 -0.31 8.60 16.31
C THR A 197 0.11 7.18 15.93
N ILE A 198 -0.55 6.65 14.90
CA ILE A 198 -0.19 5.38 14.29
C ILE A 198 0.07 5.64 12.82
N ALA A 199 1.27 5.32 12.36
CA ALA A 199 1.61 5.42 10.95
C ALA A 199 1.30 4.06 10.31
N ASP A 200 0.26 4.01 9.50
CA ASP A 200 -0.11 2.76 8.83
C ASP A 200 0.75 2.58 7.58
N GLU A 201 1.85 1.85 7.76
CA GLU A 201 2.81 1.61 6.70
C GLU A 201 2.59 0.26 6.02
N VAL A 202 1.37 -0.29 6.10
CA VAL A 202 1.13 -1.60 5.50
C VAL A 202 1.43 -1.58 4.01
N LYS A 203 1.05 -0.50 3.31
CA LYS A 203 1.32 -0.40 1.88
C LYS A 203 2.77 0.02 1.60
N HIS A 204 3.26 1.08 2.25
CA HIS A 204 4.52 1.67 1.83
C HIS A 204 5.74 1.26 2.64
N GLY A 205 5.55 0.60 3.77
CA GLY A 205 6.69 0.21 4.57
C GLY A 205 7.57 -0.77 3.82
N TYR A 206 8.86 -0.48 3.73
CA TYR A 206 9.85 -1.25 2.97
C TYR A 206 9.65 -1.21 1.46
N ARG A 207 8.72 -0.38 0.96
CA ARG A 207 8.57 -0.16 -0.47
C ARG A 207 9.34 1.07 -0.96
N LEU A 208 9.18 2.20 -0.26
CA LEU A 208 9.79 3.45 -0.68
C LEU A 208 11.19 3.62 -0.11
N ARG A 209 11.47 2.99 1.02
CA ARG A 209 12.79 2.98 1.65
C ARG A 209 12.87 1.78 2.57
N GLN A 210 14.05 1.54 3.14
CA GLN A 210 14.26 0.40 4.04
C GLN A 210 13.79 0.76 5.44
N GLY A 211 12.46 0.77 5.60
CA GLY A 211 11.82 1.18 6.83
C GLY A 211 10.51 1.88 6.53
N ALA A 212 10.07 2.74 7.45
CA ALA A 212 8.81 3.45 7.27
C ALA A 212 8.97 4.61 6.31
N SER A 213 8.00 4.78 5.40
CA SER A 213 8.04 5.93 4.50
C SER A 213 8.03 7.24 5.29
N VAL A 214 7.25 7.30 6.37
CA VAL A 214 7.08 8.57 7.08
C VAL A 214 8.38 9.06 7.68
N THR A 215 9.33 8.15 7.95
CA THR A 215 10.60 8.59 8.56
C THR A 215 11.29 9.60 7.67
N GLU A 216 11.26 9.37 6.35
CA GLU A 216 11.89 10.28 5.41
C GLU A 216 11.11 11.57 5.24
N ALA A 217 9.83 11.59 5.65
CA ALA A 217 9.01 12.80 5.68
C ALA A 217 9.17 13.56 6.98
N SER A 218 10.19 13.22 7.79
CA SER A 218 10.49 13.89 9.05
C SER A 218 9.40 13.69 10.10
N VAL A 219 8.75 12.53 10.06
CA VAL A 219 7.68 12.18 10.99
C VAL A 219 8.20 11.06 11.88
N VAL A 220 7.80 11.08 13.16
CA VAL A 220 7.91 9.92 14.02
C VAL A 220 6.51 9.65 14.56
N ALA A 221 6.20 8.38 14.78
CA ALA A 221 4.89 8.00 15.26
C ALA A 221 5.06 7.09 16.47
N ASP A 222 3.98 6.98 17.26
CA ASP A 222 4.04 6.13 18.44
C ASP A 222 4.02 4.65 18.08
N MET A 223 3.31 4.28 17.00
CA MET A 223 3.29 2.92 16.48
C MET A 223 3.30 2.98 14.97
N TYR A 224 3.83 1.92 14.37
CA TYR A 224 3.91 1.74 12.93
C TYR A 224 3.37 0.35 12.62
N THR A 225 2.63 0.22 11.53
CA THR A 225 2.15 -1.08 11.09
C THR A 225 2.72 -1.42 9.73
N TYR A 226 3.15 -2.67 9.55
CA TYR A 226 3.74 -3.15 8.31
C TYR A 226 3.06 -4.45 7.89
N ALA A 227 3.07 -4.71 6.57
CA ALA A 227 2.70 -6.03 6.06
C ALA A 227 3.22 -6.30 4.65
N LYS A 228 2.77 -5.54 3.64
CA LYS A 228 3.06 -5.89 2.24
C LYS A 228 4.56 -5.95 1.97
N GLY A 229 5.33 -5.02 2.54
CA GLY A 229 6.73 -4.92 2.14
C GLY A 229 7.66 -5.93 2.76
N ILE A 230 7.23 -6.60 3.85
CA ILE A 230 8.17 -7.29 4.70
C ILE A 230 8.33 -8.77 4.40
N SER A 231 7.46 -9.37 3.55
CA SER A 231 7.44 -10.82 3.50
C SER A 231 7.28 -11.42 2.10
N ASN A 232 7.34 -10.62 1.04
CA ASN A 232 7.31 -11.14 -0.33
C ASN A 232 6.14 -12.07 -0.61
N GLY A 233 4.98 -11.73 -0.05
CA GLY A 233 3.77 -12.47 -0.33
C GLY A 233 3.41 -13.53 0.69
N TRP A 234 4.21 -13.66 1.75
CA TRP A 234 3.88 -14.57 2.85
C TRP A 234 3.08 -13.83 3.92
N PRO A 235 2.13 -14.50 4.58
CA PRO A 235 1.23 -13.80 5.50
C PRO A 235 1.85 -13.44 6.83
N LEU A 236 2.47 -12.27 6.90
CA LEU A 236 3.07 -11.78 8.13
C LEU A 236 2.94 -10.27 8.17
N SER A 237 2.60 -9.75 9.34
CA SER A 237 2.46 -8.30 9.55
C SER A 237 2.95 -7.99 10.95
N CYS A 238 3.01 -6.69 11.28
CA CYS A 238 3.41 -6.36 12.64
C CYS A 238 2.96 -4.97 13.05
N VAL A 239 2.95 -4.77 14.38
CA VAL A 239 2.94 -3.45 15.00
C VAL A 239 4.31 -3.27 15.61
N ALA A 240 4.99 -2.17 15.25
CA ALA A 240 6.25 -1.81 15.87
C ALA A 240 6.05 -0.47 16.54
N GLY A 241 6.42 -0.38 17.82
CA GLY A 241 6.19 0.90 18.47
C GLY A 241 6.73 0.96 19.87
N ASP A 242 6.48 2.09 20.53
CA ASP A 242 7.02 2.34 21.85
C ASP A 242 6.50 1.31 22.87
N GLU A 243 7.35 1.03 23.85
CA GLU A 243 7.10 0.00 24.84
C GLU A 243 5.75 0.17 25.54
N ARG A 244 5.38 1.41 25.87
CA ARG A 244 4.14 1.59 26.62
C ARG A 244 2.91 1.17 25.82
N PHE A 245 2.98 1.22 24.49
CA PHE A 245 1.88 0.74 23.67
C PHE A 245 2.00 -0.71 23.30
N LEU A 246 3.21 -1.25 23.28
CA LEU A 246 3.37 -2.64 22.86
C LEU A 246 3.15 -3.61 24.03
N LYS A 247 3.37 -3.15 25.25
CA LYS A 247 3.11 -4.01 26.41
C LYS A 247 1.65 -4.51 26.49
N PRO A 248 0.63 -3.69 26.23
CA PRO A 248 -0.75 -4.22 26.22
C PRO A 248 -1.02 -5.25 25.12
N LEU A 249 -0.12 -5.44 24.16
CA LEU A 249 -0.31 -6.46 23.13
C LEU A 249 0.33 -7.79 23.50
N ALA A 250 0.76 -7.95 24.75
CA ALA A 250 1.52 -9.14 25.14
C ALA A 250 0.75 -10.42 24.83
N GLU A 251 -0.57 -10.42 25.01
CA GLU A 251 -1.36 -11.63 24.86
C GLU A 251 -2.08 -11.71 23.51
N PHE A 252 -1.73 -10.85 22.56
CA PHE A 252 -2.37 -10.82 21.24
C PHE A 252 -1.71 -11.86 20.34
N VAL A 253 -1.99 -13.12 20.64
CA VAL A 253 -1.33 -14.27 20.02
C VAL A 253 -2.37 -15.23 19.47
N SER A 254 -2.12 -15.73 18.25
CA SER A 254 -2.92 -16.80 17.65
C SER A 254 -2.11 -18.08 17.68
N THR A 255 -2.82 -19.20 17.50
CA THR A 255 -2.14 -20.50 17.46
C THR A 255 -0.94 -20.47 16.53
N LEU A 256 -1.10 -19.86 15.36
CA LEU A 256 -0.07 -19.88 14.32
C LEU A 256 0.57 -18.51 14.09
N THR A 257 0.50 -17.62 15.09
CA THR A 257 1.24 -16.36 14.97
C THR A 257 2.70 -16.62 14.61
N PHE A 258 3.26 -17.71 15.13
CA PHE A 258 4.69 -18.01 14.99
C PHE A 258 4.95 -19.25 14.14
N GLU A 259 4.06 -19.57 13.19
CA GLU A 259 4.40 -20.59 12.20
C GLU A 259 5.68 -20.17 11.48
N ALA A 260 6.57 -21.14 11.29
CA ALA A 260 7.95 -20.81 10.92
C ALA A 260 8.16 -20.37 9.48
N PRO A 261 7.49 -20.98 8.48
CA PRO A 261 7.73 -20.55 7.09
C PRO A 261 7.62 -19.05 6.84
N SER A 262 6.58 -18.39 7.37
CA SER A 262 6.42 -16.95 7.12
C SER A 262 7.52 -16.13 7.78
N PHE A 263 8.00 -16.55 8.95
CA PHE A 263 9.13 -15.85 9.57
C PHE A 263 10.40 -16.02 8.77
N ALA A 264 10.63 -17.23 8.24
CA ALA A 264 11.80 -17.44 7.38
C ALA A 264 11.72 -16.56 6.13
N ALA A 265 10.53 -16.47 5.53
CA ALA A 265 10.34 -15.63 4.35
C ALA A 265 10.60 -14.16 4.67
N ALA A 266 10.08 -13.68 5.79
CA ALA A 266 10.20 -12.26 6.11
C ALA A 266 11.63 -11.88 6.43
N SER A 267 12.32 -12.69 7.22
CA SER A 267 13.70 -12.35 7.56
C SER A 267 14.58 -12.35 6.31
N ALA A 268 14.38 -13.33 5.44
CA ALA A 268 15.10 -13.36 4.16
C ALA A 268 14.71 -12.17 3.29
N THR A 269 13.44 -11.79 3.29
CA THR A 269 13.01 -10.68 2.46
C THR A 269 13.71 -9.38 2.89
N LEU A 270 13.72 -9.09 4.19
CA LEU A 270 14.34 -7.84 4.62
C LEU A 270 15.82 -7.82 4.27
N ASP A 271 16.50 -8.96 4.42
CA ASP A 271 17.91 -9.02 4.04
C ASP A 271 18.10 -8.79 2.54
N ARG A 272 17.22 -9.37 1.72
CA ARG A 272 17.37 -9.25 0.27
C ARG A 272 17.06 -7.83 -0.20
N LEU A 273 16.06 -7.19 0.41
CA LEU A 273 15.77 -5.79 0.07
C LEU A 273 16.99 -4.92 0.31
N ALA A 274 17.69 -5.15 1.41
CA ALA A 274 18.91 -4.39 1.69
C ALA A 274 20.03 -4.76 0.72
N GLU A 275 20.24 -6.07 0.51
CA GLU A 275 21.36 -6.54 -0.31
C GLU A 275 21.24 -6.07 -1.75
N LEU A 276 20.03 -6.02 -2.28
CA LEU A 276 19.79 -5.61 -3.65
C LEU A 276 19.44 -4.13 -3.80
N ASP A 277 19.54 -3.35 -2.71
CA ASP A 277 19.31 -1.90 -2.76
C ASP A 277 17.97 -1.59 -3.42
N VAL A 278 16.93 -2.31 -3.00
CA VAL A 278 15.73 -2.43 -3.83
C VAL A 278 14.99 -1.11 -3.95
N GLN A 279 14.77 -0.42 -2.83
CA GLN A 279 13.93 0.78 -2.88
C GLN A 279 14.63 1.91 -3.62
N ALA A 280 15.94 2.05 -3.43
CA ALA A 280 16.68 3.09 -4.15
C ALA A 280 16.76 2.77 -5.63
N GLN A 281 16.93 1.50 -6.00
CA GLN A 281 16.95 1.14 -7.42
CA GLN A 281 16.96 1.15 -7.42
C GLN A 281 15.58 1.32 -8.05
N LEU A 282 14.51 1.00 -7.31
CA LEU A 282 13.17 1.20 -7.84
C LEU A 282 12.87 2.67 -8.05
N ALA A 283 13.39 3.52 -7.17
CA ALA A 283 13.21 4.96 -7.35
C ALA A 283 13.79 5.40 -8.70
N ILE A 284 14.93 4.82 -9.08
CA ILE A 284 15.56 5.14 -10.35
C ILE A 284 14.80 4.53 -11.52
N ASP A 285 14.54 3.22 -11.44
CA ASP A 285 13.94 2.51 -12.56
C ASP A 285 12.49 2.94 -12.78
N GLY A 286 11.73 3.12 -11.70
CA GLY A 286 10.37 3.61 -11.85
C GLY A 286 10.31 5.02 -12.39
N ALA A 287 11.27 5.87 -12.00
CA ALA A 287 11.31 7.21 -12.57
C ALA A 287 11.53 7.16 -14.08
N ARG A 288 12.41 6.29 -14.55
CA ARG A 288 12.60 6.14 -15.99
C ARG A 288 11.34 5.65 -16.68
N PHE A 289 10.66 4.66 -16.09
CA PHE A 289 9.44 4.16 -16.70
C PHE A 289 8.40 5.26 -16.81
N VAL A 290 8.20 6.03 -15.73
CA VAL A 290 7.13 7.01 -15.71
C VAL A 290 7.42 8.16 -16.68
N SER A 291 8.68 8.58 -16.77
CA SER A 291 9.04 9.63 -17.72
C SER A 291 8.79 9.18 -19.15
N GLU A 292 9.26 7.97 -19.50
CA GLU A 292 9.08 7.51 -20.88
C GLU A 292 7.61 7.19 -21.16
N ALA A 293 6.87 6.69 -20.17
CA ALA A 293 5.44 6.47 -20.36
C ALA A 293 4.73 7.79 -20.66
N ALA A 294 5.05 8.84 -19.89
CA ALA A 294 4.46 10.15 -20.11
C ALA A 294 4.75 10.66 -21.52
N LYS A 295 5.97 10.45 -22.02
CA LYS A 295 6.31 10.88 -23.36
C LYS A 295 5.50 10.12 -24.42
N MET A 296 5.36 8.80 -24.25
CA MET A 296 4.61 7.99 -25.20
C MET A 296 3.15 8.41 -25.25
N ILE A 297 2.56 8.65 -24.07
CA ILE A 297 1.18 9.15 -24.03
C ILE A 297 1.07 10.46 -24.79
N SER A 298 2.04 11.34 -24.60
CA SER A 298 1.98 12.66 -25.21
C SER A 298 2.02 12.59 -26.73
N THR A 299 2.93 11.78 -27.27
CA THR A 299 3.03 11.74 -28.74
C THR A 299 1.79 11.14 -29.35
N ARG A 300 1.03 10.39 -28.57
CA ARG A 300 -0.18 9.77 -29.09
C ARG A 300 -1.44 10.55 -28.75
N ASP A 301 -1.32 11.64 -28.00
CA ASP A 301 -2.44 12.53 -27.72
C ASP A 301 -3.56 11.80 -27.00
N LEU A 302 -3.18 10.93 -26.07
CA LEU A 302 -4.20 10.20 -25.32
C LEU A 302 -4.45 10.87 -23.98
N PRO A 303 -5.68 10.76 -23.46
CA PRO A 303 -6.09 11.44 -22.22
C PRO A 303 -5.71 10.66 -20.96
N ILE A 304 -4.41 10.59 -20.73
CA ILE A 304 -3.82 9.94 -19.57
C ILE A 304 -2.69 10.82 -19.09
N GLU A 305 -2.51 10.89 -17.77
CA GLU A 305 -1.39 11.63 -17.19
C GLU A 305 -0.69 10.70 -16.21
N MET A 306 0.65 10.76 -16.17
CA MET A 306 1.35 9.99 -15.16
C MET A 306 1.48 10.81 -13.89
N ALA A 307 1.24 10.16 -12.75
CA ALA A 307 1.43 10.76 -11.44
C ALA A 307 2.35 9.86 -10.62
N GLY A 308 3.15 10.48 -9.74
CA GLY A 308 4.09 9.71 -8.94
C GLY A 308 5.35 9.33 -9.70
N THR A 309 6.10 8.40 -9.12
CA THR A 309 7.40 8.04 -9.65
C THR A 309 7.90 6.80 -8.90
N GLY A 310 9.03 6.25 -9.36
CA GLY A 310 9.71 5.19 -8.61
C GLY A 310 8.82 3.98 -8.35
N ALA A 311 8.67 3.62 -7.08
CA ALA A 311 7.92 2.43 -6.69
C ALA A 311 6.43 2.67 -6.58
N ALA A 312 5.97 3.91 -6.78
CA ALA A 312 4.55 4.21 -6.58
C ALA A 312 4.14 5.27 -7.59
N PHE A 313 3.57 4.82 -8.70
CA PHE A 313 3.10 5.74 -9.72
C PHE A 313 1.74 5.26 -10.22
N GLN A 314 1.03 6.14 -10.92
CA GLN A 314 -0.35 5.87 -11.32
C GLN A 314 -0.63 6.45 -12.69
N PHE A 315 -1.42 5.72 -13.49
CA PHE A 315 -1.93 6.21 -14.77
C PHE A 315 -3.24 6.92 -14.44
N VAL A 316 -3.20 8.25 -14.44
CA VAL A 316 -4.36 9.07 -14.09
C VAL A 316 -5.21 9.27 -15.34
N CYS A 317 -6.46 8.81 -15.29
CA CYS A 317 -7.38 9.02 -16.40
C CYS A 317 -8.81 8.83 -15.91
N ALA A 318 -9.75 9.20 -16.76
CA ALA A 318 -11.15 8.92 -16.50
C ALA A 318 -11.39 7.41 -16.46
N GLU A 319 -12.40 7.01 -15.68
CA GLU A 319 -12.77 5.60 -15.59
C GLU A 319 -12.98 4.99 -16.96
N GLU A 320 -13.69 5.68 -17.86
CA GLU A 320 -13.97 5.09 -19.16
C GLU A 320 -12.73 4.99 -20.03
N VAL A 321 -11.69 5.79 -19.76
CA VAL A 321 -10.42 5.63 -20.46
C VAL A 321 -9.62 4.48 -19.87
N GLU A 322 -9.59 4.39 -18.54
CA GLU A 322 -8.87 3.29 -17.91
C GLU A 322 -9.43 1.95 -18.34
N GLU A 323 -10.73 1.89 -18.55
CA GLU A 323 -11.40 0.65 -18.96
C GLU A 323 -10.98 0.21 -20.35
N VAL A 324 -10.39 1.10 -21.14
CA VAL A 324 -9.78 0.73 -22.43
C VAL A 324 -8.31 0.44 -22.27
N LEU A 325 -7.59 1.29 -21.52
CA LEU A 325 -6.16 1.12 -21.33
C LEU A 325 -5.84 -0.27 -20.79
N LEU A 326 -6.56 -0.70 -19.75
CA LEU A 326 -6.20 -1.93 -19.06
C LEU A 326 -6.30 -3.17 -19.95
N PRO A 327 -7.42 -3.43 -20.65
CA PRO A 327 -7.44 -4.56 -21.60
C PRO A 327 -6.40 -4.46 -22.70
N HIS A 328 -6.16 -3.25 -23.23
CA HIS A 328 -5.18 -3.11 -24.30
C HIS A 328 -3.77 -3.43 -23.80
N ALA A 329 -3.45 -3.02 -22.57
CA ALA A 329 -2.17 -3.40 -21.98
C ALA A 329 -2.08 -4.91 -21.76
N LEU A 330 -3.16 -5.51 -21.25
CA LEU A 330 -3.17 -6.96 -21.04
C LEU A 330 -2.94 -7.72 -22.33
N ALA A 331 -3.55 -7.25 -23.43
CA ALA A 331 -3.36 -7.89 -24.72
C ALA A 331 -1.90 -7.84 -25.19
N GLU A 332 -1.14 -6.86 -24.71
CA GLU A 332 0.29 -6.77 -25.02
C GLU A 332 1.18 -7.39 -23.93
N GLY A 333 0.60 -8.13 -22.99
CA GLY A 333 1.38 -8.79 -21.97
C GLY A 333 1.81 -7.91 -20.82
N LEU A 334 1.00 -6.91 -20.45
CA LEU A 334 1.31 -6.00 -19.36
C LEU A 334 0.11 -5.92 -18.43
N ILE A 335 0.30 -6.38 -17.19
CA ILE A 335 -0.75 -6.39 -16.18
C ILE A 335 -0.67 -5.12 -15.34
N LEU A 336 -1.71 -4.29 -15.42
CA LEU A 336 -1.81 -3.06 -14.64
C LEU A 336 -2.92 -3.20 -13.60
N GLU A 337 -2.70 -2.63 -12.40
CA GLU A 337 -3.80 -2.64 -11.43
C GLU A 337 -4.74 -1.47 -11.75
N PRO A 338 -6.05 -1.68 -11.70
CA PRO A 338 -6.99 -0.59 -11.94
C PRO A 338 -7.17 0.31 -10.73
N SER A 339 -7.37 1.59 -11.01
CA SER A 339 -7.84 2.57 -10.03
C SER A 339 -6.95 2.59 -8.79
N ASP A 340 -5.65 2.48 -9.04
CA ASP A 340 -4.66 2.37 -7.97
C ASP A 340 -3.31 2.71 -8.58
N GLN A 341 -2.31 2.82 -7.71
CA GLN A 341 -0.94 2.85 -8.20
C GLN A 341 -0.58 1.50 -8.80
N GLN A 342 0.52 1.48 -9.56
CA GLN A 342 1.18 0.25 -9.93
C GLN A 342 2.20 -0.13 -8.84
N TYR A 343 2.58 -1.40 -8.80
CA TYR A 343 3.40 -1.94 -7.71
C TYR A 343 4.61 -2.70 -8.24
N PRO A 344 5.56 -2.02 -8.90
CA PRO A 344 6.74 -2.73 -9.41
C PRO A 344 7.52 -3.34 -8.25
N SER A 345 8.22 -4.44 -8.56
CA SER A 345 9.05 -5.17 -7.61
C SER A 345 10.53 -4.94 -7.95
N ALA A 346 11.42 -5.55 -7.15
CA ALA A 346 12.85 -5.47 -7.39
C ALA A 346 13.24 -5.98 -8.78
N CYS A 347 12.42 -6.87 -9.36
CA CYS A 347 12.74 -7.38 -10.68
C CYS A 347 12.40 -6.39 -11.79
N PHE A 348 11.74 -5.28 -11.46
CA PHE A 348 11.44 -4.21 -12.42
C PHE A 348 12.69 -3.36 -12.57
N ARG A 349 13.66 -3.90 -13.29
CA ARG A 349 14.95 -3.25 -13.47
C ARG A 349 15.56 -3.74 -14.78
N GLY A 350 16.61 -3.05 -15.22
CA GLY A 350 17.30 -3.48 -16.44
C GLY A 350 16.38 -3.62 -17.63
N GLU A 351 16.54 -4.73 -18.37
CA GLU A 351 15.77 -4.95 -19.59
C GLU A 351 14.28 -5.13 -19.34
N VAL A 352 13.86 -5.45 -18.11
CA VAL A 352 12.45 -5.59 -17.82
C VAL A 352 11.73 -4.26 -18.03
N VAL A 353 12.37 -3.15 -17.65
CA VAL A 353 11.76 -1.84 -17.80
C VAL A 353 11.55 -1.53 -19.28
N ASP A 354 12.56 -1.82 -20.11
CA ASP A 354 12.43 -1.56 -21.53
C ASP A 354 11.36 -2.46 -22.15
N ASP A 355 11.28 -3.71 -21.70
CA ASP A 355 10.23 -4.62 -22.15
C ASP A 355 8.85 -4.04 -21.80
N ALA A 356 8.67 -3.59 -20.56
CA ALA A 356 7.41 -2.99 -20.16
C ALA A 356 7.06 -1.78 -21.01
N LEU A 357 8.07 -0.94 -21.31
CA LEU A 357 7.81 0.25 -22.12
C LEU A 357 7.42 -0.13 -23.54
N GLU A 358 8.06 -1.16 -24.10
CA GLU A 358 7.70 -1.61 -25.43
C GLU A 358 6.27 -2.11 -25.47
N ARG A 359 5.87 -2.87 -24.45
CA ARG A 359 4.51 -3.38 -24.40
C ARG A 359 3.51 -2.24 -24.21
N LEU A 360 3.83 -1.27 -23.34
CA LEU A 360 2.96 -0.11 -23.19
C LEU A 360 2.84 0.67 -24.50
N ASP A 361 3.96 0.84 -25.20
CA ASP A 361 3.91 1.56 -26.47
C ASP A 361 2.96 0.88 -27.45
N ARG A 362 3.03 -0.45 -27.55
CA ARG A 362 2.12 -1.18 -28.43
C ARG A 362 0.68 -1.06 -27.96
N ALA A 363 0.45 -1.08 -26.64
CA ALA A 363 -0.90 -0.97 -26.11
C ALA A 363 -1.49 0.40 -26.38
N LEU A 364 -0.67 1.45 -26.26
CA LEU A 364 -1.16 2.78 -26.55
C LEU A 364 -1.49 2.94 -28.03
N THR A 365 -0.71 2.28 -28.90
CA THR A 365 -0.99 2.32 -30.34
C THR A 365 -2.31 1.64 -30.67
N THR A 366 -2.54 0.45 -30.11
CA THR A 366 -3.80 -0.22 -30.41
C THR A 366 -4.97 0.53 -29.79
N MET A 367 -4.76 1.14 -28.61
CA MET A 367 -5.83 1.87 -27.98
C MET A 367 -6.25 3.07 -28.83
N ALA A 368 -5.25 3.83 -29.33
CA ALA A 368 -5.57 4.98 -30.17
C ALA A 368 -6.25 4.55 -31.47
N ALA A 369 -5.86 3.40 -32.03
CA ALA A 369 -6.47 2.92 -33.27
C ALA A 369 -7.84 2.30 -33.03
N ALA A 370 -8.02 1.63 -31.89
CA ALA A 370 -9.32 1.04 -31.56
C ALA A 370 -10.33 2.09 -31.12
N ARG A 371 -9.88 3.15 -30.44
CA ARG A 371 -10.78 4.18 -29.90
C ARG A 371 -10.28 5.56 -30.32
N PRO A 372 -10.36 5.88 -31.62
CA PRO A 372 -9.90 7.20 -32.07
C PRO A 372 -10.63 8.37 -31.45
N ASP A 373 -11.82 8.14 -30.88
CA ASP A 373 -12.57 9.22 -30.25
C ASP A 373 -11.92 9.71 -28.98
N LEU A 374 -11.03 8.91 -28.38
CA LEU A 374 -10.35 9.35 -27.17
C LEU A 374 -9.14 10.21 -27.48
N VAL A 375 -8.64 10.17 -28.72
CA VAL A 375 -7.49 10.99 -29.07
C VAL A 375 -7.84 12.47 -28.98
N GLY A 376 -7.00 13.23 -28.27
CA GLY A 376 -7.22 14.64 -28.11
C GLY A 376 -8.15 15.02 -26.98
N ARG A 377 -8.75 14.04 -26.31
CA ARG A 377 -9.58 14.32 -25.15
C ARG A 377 -8.75 14.91 -24.02
N GLU A 378 -9.36 15.84 -23.28
CA GLU A 378 -8.68 16.47 -22.17
C GLU A 378 -8.91 15.71 -20.87
N VAL A 379 -7.91 15.70 -20.01
CA VAL A 379 -8.05 15.19 -18.65
C VAL A 379 -8.56 16.34 -17.81
N THR A 380 -9.64 16.10 -17.06
CA THR A 380 -10.28 17.16 -16.28
C THR A 380 -9.82 17.13 -14.83
N GLN A 381 -10.09 18.24 -14.13
CA GLN A 381 -9.85 18.26 -12.68
C GLN A 381 -10.55 17.09 -11.99
N LEU A 382 -11.80 16.83 -12.37
CA LEU A 382 -12.55 15.75 -11.76
C LEU A 382 -11.91 14.40 -12.03
N ASP A 383 -11.40 14.18 -13.25
CA ASP A 383 -10.63 12.97 -13.53
C ASP A 383 -9.48 12.83 -12.53
N ARG A 384 -8.75 13.92 -12.30
CA ARG A 384 -7.59 13.87 -11.41
C ARG A 384 -8.03 13.61 -9.98
N VAL A 385 -9.11 14.26 -9.54
CA VAL A 385 -9.58 14.08 -8.18
C VAL A 385 -10.10 12.67 -7.96
N ASN A 386 -10.89 12.16 -8.91
CA ASN A 386 -11.38 10.78 -8.82
C ASN A 386 -10.21 9.79 -8.72
N ALA A 387 -9.20 9.98 -9.56
CA ALA A 387 -8.06 9.06 -9.56
C ALA A 387 -7.32 9.09 -8.22
N ALA A 388 -7.12 10.29 -7.67
CA ALA A 388 -6.50 10.40 -6.35
C ALA A 388 -7.34 9.72 -5.28
N PHE A 389 -8.66 9.95 -5.29
CA PHE A 389 -9.51 9.38 -4.25
C PHE A 389 -9.47 7.86 -4.30
N CYS A 390 -9.52 7.29 -5.51
CA CYS A 390 -9.42 5.84 -5.66
C CYS A 390 -8.09 5.32 -5.14
N GLN A 391 -7.01 6.05 -5.41
CA GLN A 391 -5.67 5.55 -5.09
C GLN A 391 -5.35 5.71 -3.61
N MET A 392 -5.61 6.88 -3.03
CA MET A 392 -5.17 7.14 -1.68
C MET A 392 -6.31 7.12 -0.67
N ASP A 393 -7.55 6.87 -1.11
CA ASP A 393 -8.69 6.73 -0.18
C ASP A 393 -8.95 8.03 0.58
N GLY A 394 -8.67 9.16 -0.07
CA GLY A 394 -8.84 10.47 0.52
C GLY A 394 -8.64 11.51 -0.56
N LEU A 395 -8.80 12.77 -0.17
CA LEU A 395 -8.63 13.87 -1.11
C LEU A 395 -7.19 14.40 -1.05
N PRO A 396 -6.62 14.76 -2.20
CA PRO A 396 -5.23 15.24 -2.24
C PRO A 396 -5.13 16.72 -1.89
N GLY A 397 -5.56 17.05 -0.68
CA GLY A 397 -5.81 18.45 -0.35
C GLY A 397 -7.13 18.90 -0.94
N ARG A 398 -7.59 20.06 -0.54
CA ARG A 398 -8.82 20.60 -1.10
C ARG A 398 -8.54 21.01 -2.54
N PRO A 399 -9.25 20.47 -3.54
CA PRO A 399 -8.93 20.82 -4.93
C PRO A 399 -9.19 22.30 -5.19
N ASP A 400 -8.47 22.85 -6.17
CA ASP A 400 -8.60 24.27 -6.49
C ASP A 400 -10.05 24.61 -6.84
N GLY A 401 -10.57 25.67 -6.23
CA GLY A 401 -11.92 26.10 -6.47
C GLY A 401 -12.98 25.38 -5.67
N TRP A 402 -12.62 24.38 -4.87
CA TRP A 402 -13.59 23.63 -4.07
C TRP A 402 -13.64 24.20 -2.65
N SER A 403 -14.85 24.41 -2.15
CA SER A 403 -15.04 24.71 -0.75
C SER A 403 -14.92 23.43 0.07
N LEU A 404 -14.74 23.58 1.37
CA LEU A 404 -14.74 22.40 2.23
C LEU A 404 -16.05 21.63 2.13
N ASP A 405 -17.18 22.36 2.06
CA ASP A 405 -18.48 21.69 1.93
C ASP A 405 -18.54 20.85 0.67
N GLN A 406 -18.03 21.38 -0.45
CA GLN A 406 -17.98 20.60 -1.68
C GLN A 406 -17.09 19.36 -1.53
N CYS A 407 -16.01 19.46 -0.76
CA CYS A 407 -15.17 18.30 -0.53
C CYS A 407 -15.94 17.24 0.25
N VAL A 408 -16.64 17.66 1.31
CA VAL A 408 -17.40 16.72 2.12
C VAL A 408 -18.51 16.07 1.30
N GLU A 409 -19.20 16.87 0.48
CA GLU A 409 -20.24 16.32 -0.39
C GLU A 409 -19.66 15.32 -1.37
N TYR A 410 -18.49 15.62 -1.94
CA TYR A 410 -17.85 14.71 -2.88
C TYR A 410 -17.52 13.37 -2.20
N VAL A 411 -16.87 13.44 -1.03
CA VAL A 411 -16.49 12.21 -0.34
C VAL A 411 -17.73 11.39 0.01
N THR A 412 -18.78 12.06 0.51
CA THR A 412 -20.01 11.36 0.85
C THR A 412 -20.59 10.63 -0.36
N ALA A 413 -20.53 11.26 -1.53
CA ALA A 413 -21.07 10.65 -2.75
C ALA A 413 -20.24 9.47 -3.23
N GLN A 414 -18.99 9.35 -2.79
CA GLN A 414 -18.17 8.18 -3.14
C GLN A 414 -18.49 6.94 -2.32
N LEU A 415 -19.14 7.10 -1.17
CA LEU A 415 -19.33 5.97 -0.27
C LEU A 415 -20.53 5.12 -0.65
#